data_6V7K
#
_entry.id   6V7K
#
_cell.length_a   57.380
_cell.length_b   77.557
_cell.length_c   85.720
_cell.angle_alpha   90.00
_cell.angle_beta   90.00
_cell.angle_gamma   90.00
#
_symmetry.space_group_name_H-M   'P 21 21 21'
#
loop_
_entity.id
_entity.type
_entity.pdbx_description
1 polymer 'Vascular endothelial growth factor A'
2 polymer 'alpha/beta-Peptide HH4'
3 water water
#
loop_
_entity_poly.entity_id
_entity_poly.type
_entity_poly.pdbx_seq_one_letter_code
_entity_poly.pdbx_strand_id
1 'polypeptide(L)'
;MGQNHHEVVKFMDVYQRSYCHPIETLVDIFQEYPDEIEYIFKPSCVPLMRCGGCCNDEGLECVPTEESNITMQIMRIKPH
QGQHIGEMSFLQHNKCECRPKKD
;
A,B
2 'polypeptide(L)' (1VR)E(XCP)NCDIHV(NLE)(HT7)EW(B3E)CF(XPC)R(B3L) X
#
# COMPACT_ATOMS: atom_id res chain seq x y z
N GLU A 7 -0.33 -18.17 15.09
CA GLU A 7 1.04 -18.73 15.09
C GLU A 7 2.04 -17.59 14.95
N VAL A 8 3.20 -17.75 15.60
CA VAL A 8 4.35 -16.88 15.43
C VAL A 8 4.92 -17.13 14.02
N VAL A 9 5.17 -16.05 13.27
CA VAL A 9 5.68 -16.16 11.89
C VAL A 9 7.20 -16.32 11.95
N LYS A 10 7.70 -17.35 11.26
CA LYS A 10 9.10 -17.78 11.40
C LYS A 10 10.01 -16.82 10.62
N PHE A 11 11.23 -16.60 11.14
CA PHE A 11 12.16 -15.62 10.59
C PHE A 11 12.21 -15.68 9.05
N MET A 12 12.60 -16.83 8.50
CA MET A 12 12.79 -17.00 7.07
C MET A 12 11.54 -16.59 6.29
N ASP A 13 10.35 -16.80 6.86
CA ASP A 13 9.10 -16.50 6.20
C ASP A 13 8.88 -14.97 6.21
N VAL A 14 9.16 -14.31 7.34
CA VAL A 14 9.06 -12.86 7.40
C VAL A 14 9.94 -12.24 6.31
N TYR A 15 11.17 -12.76 6.19
CA TYR A 15 12.15 -12.19 5.30
C TYR A 15 11.74 -12.38 3.85
N GLN A 16 11.24 -13.56 3.50
CA GLN A 16 10.87 -13.88 2.12
C GLN A 16 9.72 -12.99 1.70
N ARG A 17 8.78 -12.75 2.62
CA ARG A 17 7.58 -12.03 2.27
C ARG A 17 7.87 -10.53 2.13
N SER A 18 8.93 -10.01 2.77
CA SER A 18 9.13 -8.57 2.85
C SER A 18 10.29 -8.10 1.97
N TYR A 19 11.03 -9.01 1.34
CA TYR A 19 12.15 -8.66 0.44
C TYR A 19 11.61 -8.07 -0.87
N CYS A 20 12.24 -6.97 -1.30
CA CYS A 20 12.06 -6.28 -2.62
C CYS A 20 11.32 -7.17 -3.63
N HIS A 21 10.09 -6.79 -3.98
CA HIS A 21 9.32 -7.46 -5.01
C HIS A 21 8.10 -6.60 -5.37
N PRO A 22 7.41 -6.90 -6.49
CA PRO A 22 6.22 -6.15 -6.88
C PRO A 22 5.07 -6.53 -5.96
N ILE A 23 4.38 -5.52 -5.44
CA ILE A 23 3.28 -5.67 -4.47
C ILE A 23 2.09 -4.83 -4.97
N GLU A 24 0.87 -5.35 -4.79
CA GLU A 24 -0.33 -4.59 -5.10
C GLU A 24 -0.44 -3.43 -4.11
N THR A 25 -0.59 -2.23 -4.65
CA THR A 25 -0.42 -0.98 -3.96
C THR A 25 -1.53 -0.04 -4.44
N LEU A 26 -2.10 0.71 -3.50
CA LEU A 26 -3.18 1.63 -3.76
C LEU A 26 -2.55 3.00 -3.90
N VAL A 27 -2.71 3.54 -5.12
CA VAL A 27 -2.06 4.70 -5.58
C VAL A 27 -3.11 5.75 -5.95
N ASP A 28 -2.93 6.96 -5.42
CA ASP A 28 -3.79 8.12 -5.67
C ASP A 28 -3.62 8.58 -7.13
N ILE A 29 -4.75 8.74 -7.83
CA ILE A 29 -4.74 9.09 -9.24
C ILE A 29 -4.16 10.50 -9.42
N PHE A 30 -4.38 11.41 -8.46
CA PHE A 30 -3.77 12.78 -8.48
C PHE A 30 -2.24 12.71 -8.57
N GLN A 31 -1.62 11.79 -7.83
CA GLN A 31 -0.16 11.69 -7.72
C GLN A 31 0.43 11.14 -9.03
N GLU A 32 -0.38 10.45 -9.83
CA GLU A 32 0.09 9.91 -11.09
C GLU A 32 -0.10 10.92 -12.23
N TYR A 33 -1.13 11.77 -12.11
CA TYR A 33 -1.43 12.80 -13.08
C TYR A 33 -1.64 14.12 -12.33
N PRO A 34 -0.57 14.80 -11.88
CA PRO A 34 -0.72 16.11 -11.23
C PRO A 34 -1.21 17.18 -12.21
N ASP A 35 -0.98 16.95 -13.51
CA ASP A 35 -1.38 17.84 -14.63
C ASP A 35 -2.91 17.93 -14.74
N GLU A 36 -3.63 16.87 -14.39
CA GLU A 36 -5.08 16.82 -14.53
C GLU A 36 -5.73 17.11 -13.17
N ILE A 37 -5.24 18.16 -12.49
CA ILE A 37 -5.67 18.50 -11.12
C ILE A 37 -7.06 19.18 -11.11
N GLU A 38 -7.57 19.58 -12.28
CA GLU A 38 -8.88 20.26 -12.43
C GLU A 38 -10.06 19.27 -12.27
N TYR A 39 -9.89 18.01 -12.67
CA TYR A 39 -10.95 16.97 -12.67
C TYR A 39 -11.09 16.31 -11.28
N ILE A 40 -12.19 15.57 -11.09
CA ILE A 40 -12.40 14.66 -9.93
C ILE A 40 -12.44 13.23 -10.49
N PHE A 41 -11.85 12.27 -9.76
CA PHE A 41 -11.82 10.89 -10.22
C PHE A 41 -12.61 9.99 -9.27
N LYS A 42 -13.30 9.02 -9.86
CA LYS A 42 -14.02 8.02 -9.12
C LYS A 42 -13.80 6.65 -9.77
N PRO A 43 -13.23 5.69 -9.04
CA PRO A 43 -12.59 5.87 -7.74
C PRO A 43 -11.39 6.80 -7.88
N SER A 44 -10.88 7.31 -6.75
CA SER A 44 -9.82 8.33 -6.77
C SER A 44 -8.42 7.69 -6.62
N CYS A 45 -8.36 6.40 -6.32
CA CYS A 45 -7.10 5.68 -6.35
C CYS A 45 -7.30 4.34 -7.10
N VAL A 46 -6.18 3.70 -7.49
CA VAL A 46 -6.25 2.45 -8.24
C VAL A 46 -5.24 1.43 -7.72
N PRO A 47 -5.49 0.13 -7.92
CA PRO A 47 -4.55 -0.91 -7.52
C PRO A 47 -3.52 -1.20 -8.61
N LEU A 48 -2.24 -1.08 -8.26
CA LEU A 48 -1.16 -1.24 -9.21
C LEU A 48 -0.05 -2.10 -8.58
N MET A 49 0.55 -2.95 -9.41
CA MET A 49 1.78 -3.61 -9.09
C MET A 49 2.90 -2.58 -9.12
N ARG A 50 3.54 -2.39 -7.97
CA ARG A 50 4.70 -1.51 -7.78
C ARG A 50 5.72 -2.17 -6.83
N CYS A 51 6.99 -1.80 -7.01
CA CYS A 51 8.09 -2.21 -6.19
C CYS A 51 7.88 -1.69 -4.78
N GLY A 52 7.94 -2.61 -3.82
CA GLY A 52 8.05 -2.33 -2.40
C GLY A 52 8.85 -3.40 -1.70
N GLY A 53 9.04 -3.23 -0.39
CA GLY A 53 9.84 -4.16 0.37
C GLY A 53 11.16 -3.53 0.69
N CYS A 54 12.03 -4.30 1.33
CA CYS A 54 13.31 -3.81 1.82
CA CYS A 54 13.31 -3.81 1.82
CA CYS A 54 13.32 -3.82 1.82
C CYS A 54 14.47 -4.66 1.25
N CYS A 55 15.68 -4.16 1.41
CA CYS A 55 16.87 -4.80 0.91
C CYS A 55 17.74 -5.21 2.11
N ASN A 56 18.76 -6.02 1.81
CA ASN A 56 19.64 -6.54 2.83
C ASN A 56 20.35 -5.39 3.56
N ASP A 57 20.52 -4.25 2.89
CA ASP A 57 21.37 -3.16 3.34
C ASP A 57 20.55 -1.86 3.31
N GLU A 58 21.06 -0.83 4.00
CA GLU A 58 20.45 0.49 4.09
C GLU A 58 21.16 1.49 3.15
N GLY A 59 21.94 0.99 2.19
CA GLY A 59 22.47 1.81 1.08
C GLY A 59 22.00 1.32 -0.29
N LEU A 60 20.92 0.52 -0.29
CA LEU A 60 20.28 -0.03 -1.47
C LEU A 60 18.81 0.38 -1.47
N GLU A 61 18.24 0.59 -2.67
CA GLU A 61 16.82 0.86 -2.84
C GLU A 61 16.23 -0.24 -3.73
N CYS A 62 14.97 -0.57 -3.47
CA CYS A 62 14.21 -1.46 -4.31
C CYS A 62 13.80 -0.66 -5.56
N VAL A 63 14.16 -1.13 -6.76
CA VAL A 63 13.82 -0.36 -7.98
C VAL A 63 13.36 -1.30 -9.09
N PRO A 64 12.52 -0.75 -9.99
CA PRO A 64 11.99 -1.53 -11.11
C PRO A 64 13.02 -1.77 -12.22
N THR A 65 12.96 -2.97 -12.82
CA THR A 65 13.79 -3.38 -13.94
C THR A 65 12.95 -3.74 -15.16
N GLU A 66 11.63 -3.84 -15.02
CA GLU A 66 10.73 -4.22 -16.10
C GLU A 66 9.39 -3.55 -15.80
N GLU A 67 8.91 -2.71 -16.72
CA GLU A 67 7.64 -1.98 -16.57
C GLU A 67 6.72 -2.29 -17.75
N SER A 68 5.44 -1.97 -17.56
CA SER A 68 4.40 -2.16 -18.57
C SER A 68 3.24 -1.24 -18.19
N ASN A 69 2.18 -1.26 -18.99
CA ASN A 69 1.04 -0.40 -18.82
C ASN A 69 -0.21 -1.26 -18.67
N ILE A 70 -1.11 -0.80 -17.81
CA ILE A 70 -2.43 -1.37 -17.69
C ILE A 70 -3.46 -0.25 -17.87
N THR A 71 -4.60 -0.62 -18.48
CA THR A 71 -5.65 0.34 -18.83
C THR A 71 -6.85 0.06 -17.94
N MET A 72 -7.44 1.10 -17.35
CA MET A 72 -8.59 0.93 -16.47
C MET A 72 -9.71 1.92 -16.83
N GLN A 73 -10.95 1.51 -16.57
CA GLN A 73 -12.08 2.39 -16.75
C GLN A 73 -12.23 3.25 -15.51
N ILE A 74 -12.11 4.57 -15.70
CA ILE A 74 -12.23 5.54 -14.60
C ILE A 74 -13.37 6.52 -14.91
N MET A 75 -14.05 6.98 -13.85
CA MET A 75 -15.04 8.00 -14.00
C MET A 75 -14.39 9.37 -13.71
N ARG A 76 -14.50 10.23 -14.73
CA ARG A 76 -13.95 11.58 -14.78
C ARG A 76 -15.12 12.57 -14.68
N ILE A 77 -15.11 13.37 -13.62
CA ILE A 77 -16.11 14.40 -13.36
C ILE A 77 -15.41 15.77 -13.39
N LYS A 78 -15.88 16.67 -14.27
CA LYS A 78 -15.49 18.10 -14.27
C LYS A 78 -16.58 18.88 -13.55
N PRO A 79 -16.26 19.84 -12.64
CA PRO A 79 -17.29 20.62 -11.95
C PRO A 79 -18.11 21.42 -12.98
N HIS A 80 -19.44 21.40 -12.82
CA HIS A 80 -20.38 21.99 -13.77
C HIS A 80 -20.19 21.35 -15.15
N GLN A 81 -20.19 20.01 -15.18
CA GLN A 81 -20.12 19.20 -16.41
C GLN A 81 -20.49 17.76 -16.06
N GLY A 82 -20.45 16.85 -17.04
CA GLY A 82 -20.99 15.49 -16.89
C GLY A 82 -20.03 14.49 -16.26
N GLN A 83 -20.57 13.33 -15.86
CA GLN A 83 -19.81 12.14 -15.48
C GLN A 83 -19.59 11.25 -16.72
N HIS A 84 -18.33 11.16 -17.15
CA HIS A 84 -17.90 10.31 -18.27
C HIS A 84 -17.01 9.21 -17.71
N ILE A 85 -17.29 7.95 -18.07
CA ILE A 85 -16.38 6.84 -17.81
C ILE A 85 -15.52 6.59 -19.06
N GLY A 86 -14.21 6.77 -18.91
CA GLY A 86 -13.22 6.54 -19.95
C GLY A 86 -12.00 5.79 -19.45
N GLU A 87 -11.23 5.28 -20.41
CA GLU A 87 -10.03 4.52 -20.13
C GLU A 87 -8.89 5.47 -19.75
N MET A 88 -8.10 5.07 -18.75
CA MET A 88 -6.85 5.71 -18.43
C MET A 88 -5.76 4.65 -18.27
N SER A 89 -4.52 5.09 -18.42
CA SER A 89 -3.37 4.22 -18.42
C SER A 89 -2.46 4.55 -17.22
N PHE A 90 -1.89 3.51 -16.63
CA PHE A 90 -1.02 3.64 -15.49
C PHE A 90 0.14 2.67 -15.65
N LEU A 91 1.23 3.03 -14.98
CA LEU A 91 2.44 2.30 -15.05
C LEU A 91 2.47 1.24 -13.96
N GLN A 92 2.91 0.04 -14.34
CA GLN A 92 3.10 -1.08 -13.44
C GLN A 92 4.56 -1.57 -13.49
N HIS A 93 5.02 -2.13 -12.37
CA HIS A 93 6.34 -2.75 -12.30
C HIS A 93 6.18 -4.26 -12.33
N ASN A 94 6.93 -4.91 -13.22
CA ASN A 94 6.87 -6.35 -13.42
C ASN A 94 8.06 -7.05 -12.72
N LYS A 95 9.25 -6.44 -12.67
CA LYS A 95 10.40 -7.01 -11.96
C LYS A 95 11.06 -5.91 -11.15
N CYS A 96 11.61 -6.30 -9.99
CA CYS A 96 12.25 -5.40 -9.02
C CYS A 96 13.62 -5.95 -8.62
N GLU A 97 14.55 -5.05 -8.34
CA GLU A 97 15.90 -5.43 -7.90
C GLU A 97 16.44 -4.38 -6.93
N CYS A 98 17.29 -4.83 -6.02
CA CYS A 98 17.97 -3.97 -5.03
C CYS A 98 19.26 -3.41 -5.66
N ARG A 99 19.41 -2.08 -5.67
CA ARG A 99 20.50 -1.34 -6.35
C ARG A 99 20.99 -0.19 -5.48
N PRO A 100 22.22 0.34 -5.70
CA PRO A 100 22.73 1.49 -4.94
C PRO A 100 21.95 2.80 -5.13
N LYS A 101 22.07 3.72 -4.15
CA LYS A 101 21.35 5.00 -4.18
C LYS A 101 22.28 6.10 -4.71
N GLU B 7 -7.94 -6.37 -22.81
CA GLU B 7 -7.55 -6.69 -21.42
C GLU B 7 -7.58 -5.41 -20.56
N VAL B 8 -8.65 -4.62 -20.69
CA VAL B 8 -8.94 -3.43 -19.90
C VAL B 8 -9.70 -3.82 -18.63
N VAL B 9 -9.36 -3.17 -17.50
CA VAL B 9 -9.99 -3.49 -16.25
C VAL B 9 -11.29 -2.70 -16.13
N LYS B 10 -12.39 -3.42 -15.92
CA LYS B 10 -13.76 -2.87 -15.95
C LYS B 10 -14.03 -2.09 -14.67
N PHE B 11 -14.91 -1.08 -14.79
CA PHE B 11 -15.09 -0.01 -13.82
C PHE B 11 -15.43 -0.56 -12.43
N MET B 12 -16.48 -1.38 -12.34
CA MET B 12 -16.94 -1.85 -11.03
C MET B 12 -15.88 -2.74 -10.38
N ASP B 13 -15.05 -3.36 -11.19
CA ASP B 13 -13.92 -4.13 -10.67
C ASP B 13 -12.91 -3.17 -10.05
N VAL B 14 -12.64 -2.04 -10.71
CA VAL B 14 -11.65 -1.05 -10.24
C VAL B 14 -12.11 -0.46 -8.91
N TYR B 15 -13.37 -0.02 -8.90
CA TYR B 15 -14.00 0.54 -7.71
C TYR B 15 -13.94 -0.43 -6.52
N GLN B 16 -14.32 -1.69 -6.74
CA GLN B 16 -14.36 -2.72 -5.66
C GLN B 16 -12.94 -3.01 -5.13
N ARG B 17 -11.94 -3.05 -6.02
CA ARG B 17 -10.60 -3.33 -5.57
C ARG B 17 -9.96 -2.10 -4.91
N SER B 18 -10.47 -0.87 -5.13
CA SER B 18 -9.80 0.26 -4.51
C SER B 18 -10.55 0.81 -3.29
N TYR B 19 -11.77 0.33 -2.98
CA TYR B 19 -12.56 0.92 -1.89
C TYR B 19 -12.00 0.42 -0.54
N CYS B 20 -11.71 1.39 0.34
CA CYS B 20 -11.38 1.27 1.77
C CYS B 20 -11.57 -0.13 2.33
N HIS B 21 -10.45 -0.85 2.55
CA HIS B 21 -10.43 -2.19 3.14
C HIS B 21 -9.01 -2.53 3.63
N PRO B 22 -8.85 -3.58 4.46
CA PRO B 22 -7.52 -4.03 4.85
C PRO B 22 -6.69 -4.56 3.68
N ILE B 23 -5.48 -4.04 3.47
CA ILE B 23 -4.59 -4.61 2.48
C ILE B 23 -3.18 -4.84 3.06
N GLU B 24 -2.50 -5.89 2.57
CA GLU B 24 -1.06 -6.15 2.88
C GLU B 24 -0.20 -4.94 2.44
N THR B 25 0.44 -4.36 3.44
CA THR B 25 1.21 -3.13 3.40
C THR B 25 2.57 -3.39 4.09
N LEU B 26 3.65 -3.03 3.42
CA LEU B 26 4.99 -3.21 3.98
C LEU B 26 5.30 -1.96 4.81
N VAL B 27 5.67 -2.18 6.07
CA VAL B 27 5.78 -1.12 7.04
C VAL B 27 7.14 -1.20 7.70
N ASP B 28 7.84 -0.07 7.76
CA ASP B 28 9.13 -0.01 8.43
C ASP B 28 8.92 -0.25 9.92
N ILE B 29 9.77 -1.10 10.50
CA ILE B 29 9.65 -1.46 11.88
C ILE B 29 9.83 -0.24 12.79
N PHE B 30 10.66 0.74 12.41
CA PHE B 30 10.91 1.92 13.27
C PHE B 30 9.64 2.73 13.50
N GLN B 31 8.76 2.79 12.50
CA GLN B 31 7.43 3.36 12.63
C GLN B 31 6.69 2.77 13.84
N GLU B 32 6.80 1.46 14.04
CA GLU B 32 6.02 0.81 15.10
C GLU B 32 6.82 0.81 16.41
N TYR B 33 8.15 0.79 16.30
CA TYR B 33 8.97 0.82 17.50
C TYR B 33 9.94 1.99 17.43
N PRO B 34 9.45 3.24 17.55
CA PRO B 34 10.34 4.40 17.46
C PRO B 34 11.30 4.53 18.66
N ASP B 35 10.94 3.92 19.80
CA ASP B 35 11.75 3.89 21.04
C ASP B 35 13.07 3.11 20.84
N GLU B 36 13.06 2.14 19.92
CA GLU B 36 14.20 1.26 19.67
C GLU B 36 14.99 1.73 18.43
N ILE B 37 15.13 3.05 18.28
CA ILE B 37 15.74 3.61 17.08
C ILE B 37 17.26 3.35 17.02
N GLU B 38 17.89 2.95 18.13
CA GLU B 38 19.36 2.71 18.19
C GLU B 38 19.74 1.41 17.44
N TYR B 39 18.83 0.43 17.38
CA TYR B 39 19.12 -0.89 16.80
C TYR B 39 19.03 -0.82 15.26
N ILE B 40 19.51 -1.89 14.60
CA ILE B 40 19.18 -2.19 13.20
C ILE B 40 18.37 -3.49 13.16
N PHE B 41 17.33 -3.56 12.32
CA PHE B 41 16.49 -4.75 12.22
C PHE B 41 16.64 -5.39 10.85
N LYS B 42 16.58 -6.72 10.86
CA LYS B 42 16.52 -7.51 9.66
C LYS B 42 15.31 -8.45 9.72
N PRO B 43 14.47 -8.42 8.69
CA PRO B 43 14.37 -7.32 7.76
C PRO B 43 13.94 -6.02 8.45
N SER B 44 14.11 -4.91 7.74
CA SER B 44 13.77 -3.57 8.25
C SER B 44 12.27 -3.26 8.09
N CYS B 45 11.62 -3.98 7.18
CA CYS B 45 10.22 -3.79 6.80
C CYS B 45 9.46 -5.07 7.19
N VAL B 46 8.19 -4.95 7.57
CA VAL B 46 7.40 -6.12 7.87
C VAL B 46 6.03 -6.03 7.15
N PRO B 47 5.39 -7.15 6.75
CA PRO B 47 4.10 -7.10 6.06
C PRO B 47 2.88 -7.30 6.97
N LEU B 48 1.95 -6.34 6.92
CA LEU B 48 0.87 -6.12 7.88
C LEU B 48 -0.41 -5.71 7.15
N MET B 49 -1.52 -6.28 7.59
CA MET B 49 -2.79 -5.87 7.10
C MET B 49 -3.09 -4.50 7.70
N ARG B 50 -3.25 -3.51 6.82
CA ARG B 50 -3.59 -2.17 7.20
C ARG B 50 -4.62 -1.57 6.21
N CYS B 51 -5.52 -0.75 6.76
CA CYS B 51 -6.53 0.01 6.04
C CYS B 51 -5.86 0.90 5.01
N GLY B 52 -6.35 0.85 3.77
CA GLY B 52 -5.99 1.80 2.72
C GLY B 52 -7.08 1.81 1.65
N GLY B 53 -6.79 2.45 0.53
CA GLY B 53 -7.77 2.65 -0.48
C GLY B 53 -8.46 3.97 -0.28
N CYS B 54 -9.54 4.19 -1.04
CA CYS B 54 -10.17 5.49 -1.10
C CYS B 54 -11.62 5.37 -0.65
N CYS B 55 -12.22 6.54 -0.43
CA CYS B 55 -13.59 6.71 -0.05
C CYS B 55 -14.33 7.41 -1.21
N ASN B 56 -15.65 7.49 -1.09
CA ASN B 56 -16.49 8.10 -2.10
C ASN B 56 -16.22 9.61 -2.19
N ASP B 57 -15.65 10.23 -1.14
CA ASP B 57 -15.49 11.69 -1.03
C ASP B 57 -14.06 12.02 -0.59
N GLU B 58 -13.60 13.24 -0.92
CA GLU B 58 -12.25 13.71 -0.57
C GLU B 58 -12.26 14.48 0.75
N GLY B 59 -13.35 14.35 1.54
CA GLY B 59 -13.42 14.82 2.91
C GLY B 59 -13.62 13.68 3.90
N LEU B 60 -13.33 12.46 3.45
CA LEU B 60 -13.38 11.26 4.29
C LEU B 60 -12.04 10.55 4.25
N GLU B 61 -11.69 9.88 5.36
CA GLU B 61 -10.48 9.09 5.48
C GLU B 61 -10.87 7.64 5.79
N CYS B 62 -10.02 6.71 5.33
CA CYS B 62 -10.14 5.27 5.57
C CYS B 62 -9.35 4.91 6.84
N VAL B 63 -10.07 4.55 7.90
CA VAL B 63 -9.52 4.34 9.25
C VAL B 63 -10.11 3.04 9.82
N PRO B 64 -9.39 2.36 10.73
CA PRO B 64 -9.81 1.05 11.23
C PRO B 64 -10.77 1.14 12.41
N THR B 65 -11.51 0.04 12.61
CA THR B 65 -12.53 -0.08 13.61
C THR B 65 -12.28 -1.33 14.46
N GLU B 66 -11.67 -2.35 13.86
CA GLU B 66 -11.24 -3.53 14.57
C GLU B 66 -9.73 -3.72 14.36
N GLU B 67 -8.99 -3.76 15.47
CA GLU B 67 -7.55 -3.96 15.51
C GLU B 67 -7.26 -5.38 16.02
N SER B 68 -6.00 -5.82 15.95
CA SER B 68 -5.50 -7.15 16.44
C SER B 68 -3.96 -7.21 16.30
N ASN B 69 -3.34 -8.22 16.91
CA ASN B 69 -1.88 -8.25 17.03
C ASN B 69 -1.36 -9.51 16.36
N ILE B 70 -0.17 -9.41 15.75
CA ILE B 70 0.52 -10.57 15.22
C ILE B 70 1.99 -10.50 15.69
N THR B 71 2.59 -11.68 15.85
CA THR B 71 3.92 -11.79 16.42
C THR B 71 4.85 -12.45 15.41
N MET B 72 6.05 -11.87 15.25
CA MET B 72 7.01 -12.27 14.24
C MET B 72 8.42 -12.33 14.83
N GLN B 73 9.25 -13.18 14.21
CA GLN B 73 10.68 -13.31 14.56
C GLN B 73 11.52 -12.34 13.72
N ILE B 74 12.17 -11.38 14.38
CA ILE B 74 12.96 -10.32 13.78
C ILE B 74 14.40 -10.36 14.34
N MET B 75 15.39 -10.16 13.48
CA MET B 75 16.77 -10.03 13.89
C MET B 75 17.00 -8.59 14.33
N ARG B 76 17.68 -8.41 15.46
CA ARG B 76 17.93 -7.14 16.15
C ARG B 76 19.45 -7.04 16.43
N ILE B 77 20.08 -5.98 15.93
CA ILE B 77 21.51 -5.71 16.10
C ILE B 77 21.69 -4.35 16.80
N LYS B 78 22.34 -4.36 17.97
CA LYS B 78 22.79 -3.13 18.66
C LYS B 78 24.26 -2.88 18.29
N PRO B 79 24.69 -1.63 18.02
CA PRO B 79 26.10 -1.38 17.67
C PRO B 79 27.01 -1.73 18.86
N HIS B 80 28.13 -2.42 18.57
CA HIS B 80 29.05 -2.95 19.59
C HIS B 80 28.30 -3.91 20.53
N GLN B 81 27.55 -4.86 19.92
CA GLN B 81 26.78 -5.91 20.61
C GLN B 81 26.39 -6.98 19.57
N GLY B 82 25.68 -8.01 20.01
CA GLY B 82 25.40 -9.21 19.20
C GLY B 82 24.16 -9.09 18.32
N GLN B 83 24.07 -10.04 17.39
CA GLN B 83 22.90 -10.30 16.57
C GLN B 83 21.97 -11.31 17.26
N HIS B 84 20.80 -10.85 17.71
CA HIS B 84 19.81 -11.66 18.36
C HIS B 84 18.57 -11.81 17.48
N ILE B 85 17.99 -13.01 17.43
CA ILE B 85 16.66 -13.20 16.81
C ILE B 85 15.62 -13.37 17.93
N GLY B 86 14.49 -12.67 17.79
CA GLY B 86 13.53 -12.50 18.89
C GLY B 86 12.15 -12.12 18.38
N GLU B 87 11.16 -12.23 19.28
CA GLU B 87 9.75 -12.11 18.96
C GLU B 87 9.34 -10.65 19.14
N MET B 88 8.66 -10.10 18.12
CA MET B 88 8.11 -8.75 18.20
C MET B 88 6.64 -8.73 17.73
N SER B 89 5.88 -7.86 18.37
CA SER B 89 4.45 -7.83 18.18
C SER B 89 4.09 -6.61 17.34
N PHE B 90 3.16 -6.76 16.41
CA PHE B 90 2.72 -5.63 15.56
C PHE B 90 1.20 -5.62 15.47
N LEU B 91 0.64 -4.43 15.26
CA LEU B 91 -0.79 -4.17 15.16
C LEU B 91 -1.25 -4.34 13.70
N GLN B 92 -2.31 -5.14 13.52
CA GLN B 92 -3.02 -5.36 12.23
C GLN B 92 -4.46 -4.82 12.28
N HIS B 93 -4.99 -4.41 11.12
CA HIS B 93 -6.35 -3.87 10.99
C HIS B 93 -7.24 -4.93 10.36
N ASN B 94 -8.43 -5.18 10.94
CA ASN B 94 -9.31 -6.35 10.53
C ASN B 94 -10.57 -5.88 9.78
N LYS B 95 -11.07 -4.67 10.10
CA LYS B 95 -12.15 -4.01 9.40
C LYS B 95 -11.83 -2.51 9.38
N CYS B 96 -12.32 -1.80 8.36
CA CYS B 96 -12.07 -0.36 8.12
C CYS B 96 -13.42 0.32 7.90
N GLU B 97 -13.47 1.66 7.99
CA GLU B 97 -14.70 2.43 7.72
C GLU B 97 -14.27 3.82 7.21
N CYS B 98 -15.11 4.45 6.40
CA CYS B 98 -14.84 5.80 5.96
C CYS B 98 -15.52 6.78 6.93
N ARG B 99 -14.72 7.67 7.54
CA ARG B 99 -15.17 8.62 8.58
C ARG B 99 -14.69 10.02 8.20
N PRO B 100 -15.29 11.11 8.75
CA PRO B 100 -14.93 12.48 8.36
C PRO B 100 -13.52 12.94 8.80
N LYS B 101 -12.83 13.64 7.88
CA LYS B 101 -11.45 14.15 8.03
C LYS B 101 -11.47 15.66 8.29
N CYS C 5 -28.09 7.51 -1.77
CA CYS C 5 -26.86 6.70 -1.73
C CYS C 5 -25.88 7.29 -0.72
N ASP C 6 -25.81 6.65 0.44
CA ASP C 6 -25.06 7.14 1.59
C ASP C 6 -23.57 7.17 1.24
N ILE C 7 -22.97 8.35 1.45
CA ILE C 7 -21.64 8.69 1.02
C ILE C 7 -20.58 7.89 1.80
N HIS C 8 -20.96 7.32 2.95
CA HIS C 8 -20.06 6.68 3.92
C HIS C 8 -19.90 5.18 3.66
N VAL C 9 -20.64 4.61 2.69
CA VAL C 9 -20.65 3.13 2.48
C VAL C 9 -20.36 2.80 1.02
N GLU C 12 -23.87 0.24 -5.32
CA GLU C 12 -24.92 -0.13 -6.28
C GLU C 12 -24.76 0.63 -7.62
N TRP C 13 -24.90 -0.09 -8.75
CA TRP C 13 -24.94 0.51 -10.11
C TRP C 13 -25.97 1.65 -10.17
N CYS C 15 -26.56 4.18 -7.50
CA CYS C 15 -25.63 5.29 -7.18
C CYS C 15 -24.89 5.84 -8.41
N PHE C 16 -24.42 4.97 -9.31
CA PHE C 16 -23.54 5.43 -10.37
C PHE C 16 -24.38 5.88 -11.58
N ARG C 18 -27.49 8.30 -11.22
CA ARG C 18 -27.33 9.55 -10.50
C ARG C 18 -26.07 10.31 -10.93
#